data_6DLE
#
_entry.id   6DLE
#
_cell.length_a   119.205
_cell.length_b   138.234
_cell.length_c   160.836
_cell.angle_alpha   90.00
_cell.angle_beta   90.00
_cell.angle_gamma   90.00
#
_symmetry.space_group_name_H-M   'I 2 2 2'
#
loop_
_entity.id
_entity.type
_entity.pdbx_description
1 polymer 'IgLON family member 5'
2 branched 2-acetamido-2-deoxy-beta-D-glucopyranose-(1-4)-2-acetamido-2-deoxy-beta-D-glucopyranose
3 non-polymer 2-acetamido-2-deoxy-beta-D-glucopyranose
#
_entity_poly.entity_id   1
_entity_poly.type   'polypeptide(L)'
_entity_poly.pdbx_seq_one_letter_code
;DYKDDDDKAAAQSLEFNSPADNYTVCEGDNATLSCFIDEHVTRVAWLNRSNILYAGNDRWTSDPRVRLLINTPEEFSILI
TEVGLGDEGLYTCSFQTRHQPYTTQVYLIVHVPARIVNISSPVTVNEGGNVNLLCLAVGRPEPTVTWRQLRDGFTSEGEI
LEISDIQRGQAGEYECVTHNGVNSAPDSRRVLVTVNYPPTITDVTSARTALGRAALLRCEAMAVPPADFQWYKDDRLLSS
GTAEGLKVQTERTRSMLLFANVSARHYGNYTCRAANRLGASSASMRLLRPGSLENSALEVLFQ
;
_entity_poly.pdbx_strand_id   A,B
#
# COMPACT_ATOMS: atom_id res chain seq x y z
N PRO A 19 -7.39 -13.02 -1.84
CA PRO A 19 -6.40 -13.57 -2.74
C PRO A 19 -5.13 -14.01 -2.03
N ALA A 20 -4.88 -13.46 -0.83
CA ALA A 20 -3.68 -13.75 -0.05
C ALA A 20 -4.09 -14.22 1.34
N ASP A 21 -3.86 -15.49 1.64
CA ASP A 21 -4.21 -16.05 2.94
C ASP A 21 -3.05 -15.94 3.91
N ASN A 22 -3.38 -15.99 5.20
CA ASN A 22 -2.43 -15.85 6.28
C ASN A 22 -2.30 -17.17 7.03
N TYR A 23 -1.08 -17.67 7.18
CA TYR A 23 -0.85 -18.93 7.89
C TYR A 23 0.17 -18.62 8.98
N THR A 24 -0.33 -18.22 10.15
CA THR A 24 0.52 -17.85 11.28
C THR A 24 0.85 -19.09 12.10
N VAL A 25 2.12 -19.27 12.42
CA VAL A 25 2.59 -20.38 13.25
C VAL A 25 3.43 -19.85 14.39
N CYS A 26 3.36 -20.54 15.52
CA CYS A 26 4.23 -20.25 16.65
C CYS A 26 5.62 -20.80 16.35
N GLU A 27 6.64 -20.05 16.80
CA GLU A 27 8.01 -20.39 16.47
C GLU A 27 8.38 -21.78 16.99
N GLY A 28 9.12 -22.53 16.16
CA GLY A 28 9.58 -23.85 16.51
C GLY A 28 8.66 -25.00 16.12
N ASP A 29 7.41 -24.72 15.75
CA ASP A 29 6.48 -25.79 15.40
C ASP A 29 6.69 -26.23 13.96
N ASN A 30 5.78 -27.06 13.46
CA ASN A 30 5.79 -27.56 12.10
C ASN A 30 4.74 -26.83 11.28
N ALA A 31 5.15 -26.29 10.14
CA ALA A 31 4.22 -25.65 9.20
C ALA A 31 4.02 -26.56 8.01
N THR A 32 2.76 -26.78 7.64
CA THR A 32 2.40 -27.64 6.52
C THR A 32 1.56 -26.84 5.54
N LEU A 33 1.98 -26.86 4.27
CA LEU A 33 1.39 -26.01 3.22
C LEU A 33 0.74 -26.91 2.18
N SER A 34 -0.59 -27.01 2.23
CA SER A 34 -1.33 -27.83 1.28
C SER A 34 -1.81 -26.99 0.10
N CYS A 35 -1.80 -27.60 -1.08
CA CYS A 35 -2.22 -26.95 -2.32
C CYS A 35 -3.15 -27.91 -3.06
N PHE A 36 -4.45 -27.63 -2.98
CA PHE A 36 -5.46 -28.56 -3.49
C PHE A 36 -5.71 -28.27 -4.96
N ILE A 37 -5.69 -29.33 -5.79
CA ILE A 37 -5.76 -29.22 -7.23
C ILE A 37 -6.72 -30.28 -7.77
N ASP A 38 -7.24 -30.01 -8.97
CA ASP A 38 -8.06 -30.97 -9.69
C ASP A 38 -7.18 -32.00 -10.39
N GLU A 39 -7.82 -32.97 -11.04
CA GLU A 39 -7.09 -34.03 -11.72
C GLU A 39 -6.26 -33.49 -12.90
N HIS A 40 -6.81 -32.52 -13.63
CA HIS A 40 -6.20 -32.06 -14.89
C HIS A 40 -5.13 -31.00 -14.58
N VAL A 41 -4.02 -31.46 -14.01
CA VAL A 41 -2.89 -30.60 -13.70
C VAL A 41 -1.62 -31.18 -14.29
N THR A 42 -1.01 -30.44 -15.24
CA THR A 42 0.20 -30.90 -15.88
C THR A 42 1.38 -30.90 -14.90
N ARG A 43 1.55 -29.80 -14.16
CA ARG A 43 2.68 -29.64 -13.27
C ARG A 43 2.23 -28.89 -12.02
N VAL A 44 3.04 -28.95 -10.97
CA VAL A 44 2.71 -28.29 -9.71
C VAL A 44 4.00 -28.07 -8.94
N ALA A 45 4.06 -26.97 -8.20
CA ALA A 45 5.25 -26.64 -7.43
C ALA A 45 4.91 -25.65 -6.33
N TRP A 46 5.66 -25.73 -5.23
CA TRP A 46 5.62 -24.74 -4.16
C TRP A 46 6.83 -23.82 -4.27
N LEU A 47 6.65 -22.56 -3.90
CA LEU A 47 7.76 -21.62 -3.97
C LEU A 47 7.83 -20.76 -2.71
N ASN A 48 9.05 -20.60 -2.22
CA ASN A 48 9.32 -19.69 -1.12
C ASN A 48 9.85 -18.39 -1.72
N ARG A 49 9.03 -17.32 -1.63
CA ARG A 49 9.27 -16.05 -2.30
C ARG A 49 9.41 -16.33 -3.79
N SER A 50 10.60 -16.17 -4.38
CA SER A 50 10.84 -16.47 -5.78
C SER A 50 11.73 -17.69 -5.97
N ASN A 51 11.92 -18.47 -4.92
CA ASN A 51 12.80 -19.62 -4.93
C ASN A 51 11.96 -20.89 -4.97
N ILE A 52 12.32 -21.82 -5.84
CA ILE A 52 11.60 -23.08 -5.91
C ILE A 52 12.10 -23.97 -4.78
N LEU A 53 11.17 -24.55 -4.02
CA LEU A 53 11.52 -25.48 -2.95
C LEU A 53 11.40 -26.92 -3.40
N TYR A 54 10.20 -27.31 -3.86
CA TYR A 54 9.94 -28.64 -4.38
C TYR A 54 9.14 -28.52 -5.67
N ALA A 55 9.61 -29.16 -6.74
CA ALA A 55 8.92 -29.20 -8.02
C ALA A 55 8.51 -30.64 -8.30
N GLY A 56 7.23 -30.93 -8.10
CA GLY A 56 6.77 -32.30 -8.23
C GLY A 56 7.48 -33.21 -7.23
N ASN A 57 8.12 -34.25 -7.75
CA ASN A 57 8.93 -35.15 -6.93
C ASN A 57 10.39 -34.71 -6.86
N ASP A 58 10.71 -33.53 -7.39
CA ASP A 58 12.09 -33.05 -7.50
C ASP A 58 12.42 -32.07 -6.39
N ARG A 59 13.49 -32.35 -5.64
CA ARG A 59 13.94 -31.45 -4.60
C ARG A 59 14.78 -30.33 -5.20
N TRP A 60 14.29 -29.10 -5.08
CA TRP A 60 15.10 -27.93 -5.44
C TRP A 60 15.82 -27.35 -4.23
N THR A 61 15.14 -27.23 -3.10
CA THR A 61 15.72 -26.59 -1.92
C THR A 61 16.73 -27.52 -1.26
N SER A 62 17.88 -26.96 -0.91
CA SER A 62 18.91 -27.70 -0.21
C SER A 62 18.73 -27.64 1.31
N ASP A 63 17.60 -27.13 1.79
CA ASP A 63 17.32 -27.09 3.21
C ASP A 63 16.65 -28.39 3.64
N PRO A 64 17.25 -29.17 4.54
CA PRO A 64 16.64 -30.45 4.95
C PRO A 64 15.38 -30.30 5.80
N ARG A 65 14.95 -29.08 6.14
CA ARG A 65 13.72 -28.91 6.90
C ARG A 65 12.48 -29.00 6.03
N VAL A 66 12.61 -28.76 4.72
CA VAL A 66 11.48 -28.81 3.81
C VAL A 66 11.29 -30.25 3.33
N ARG A 67 10.16 -30.86 3.69
CA ARG A 67 9.83 -32.21 3.28
C ARG A 67 8.47 -32.21 2.61
N LEU A 68 8.30 -33.11 1.63
CA LEU A 68 7.08 -33.21 0.83
C LEU A 68 6.19 -34.31 1.43
N LEU A 69 5.02 -33.91 1.92
CA LEU A 69 4.11 -34.85 2.57
C LEU A 69 3.24 -35.58 1.55
N ILE A 70 2.52 -34.86 0.70
CA ILE A 70 1.51 -35.45 -0.17
C ILE A 70 1.75 -35.06 -1.62
N ASN A 71 1.69 -36.06 -2.52
CA ASN A 71 1.86 -35.87 -3.95
C ASN A 71 0.63 -36.34 -4.72
N THR A 72 -0.53 -36.36 -4.07
CA THR A 72 -1.75 -36.80 -4.74
C THR A 72 -2.04 -35.89 -5.94
N PRO A 73 -2.58 -36.43 -7.05
CA PRO A 73 -3.04 -35.56 -8.14
C PRO A 73 -4.24 -34.71 -7.73
N GLU A 74 -4.54 -34.69 -6.44
CA GLU A 74 -5.59 -33.86 -5.88
C GLU A 74 -5.09 -32.83 -4.87
N GLU A 75 -3.98 -33.08 -4.19
CA GLU A 75 -3.36 -32.04 -3.37
C GLU A 75 -1.85 -32.25 -3.34
N PHE A 76 -1.12 -31.14 -3.29
CA PHE A 76 0.33 -31.13 -3.33
C PHE A 76 0.80 -30.35 -2.10
N SER A 77 1.15 -31.06 -1.04
CA SER A 77 1.37 -30.47 0.28
C SER A 77 2.79 -30.76 0.75
N ILE A 78 3.45 -29.73 1.28
CA ILE A 78 4.79 -29.87 1.83
C ILE A 78 4.78 -29.45 3.29
N LEU A 79 5.92 -29.65 3.96
CA LEU A 79 6.06 -29.40 5.39
C LEU A 79 7.38 -28.71 5.66
N ILE A 80 7.35 -27.75 6.59
CA ILE A 80 8.56 -27.08 7.06
C ILE A 80 8.70 -27.40 8.55
N THR A 81 9.82 -28.04 8.91
CA THR A 81 10.08 -28.41 10.29
C THR A 81 10.92 -27.34 10.98
N GLU A 82 10.57 -27.04 12.24
CA GLU A 82 11.22 -26.01 13.03
C GLU A 82 11.17 -24.67 12.32
N VAL A 83 10.03 -23.99 12.42
CA VAL A 83 9.86 -22.69 11.76
C VAL A 83 10.61 -21.63 12.53
N GLY A 84 11.34 -20.78 11.80
CA GLY A 84 12.03 -19.65 12.38
C GLY A 84 11.49 -18.35 11.84
N LEU A 85 11.97 -17.25 12.42
CA LEU A 85 11.55 -15.93 11.95
C LEU A 85 11.99 -15.67 10.52
N GLY A 86 13.08 -16.30 10.09
CA GLY A 86 13.52 -16.17 8.71
C GLY A 86 12.62 -16.86 7.71
N ASP A 87 11.75 -17.75 8.17
CA ASP A 87 10.82 -18.45 7.29
C ASP A 87 9.59 -17.60 6.95
N GLU A 88 9.42 -16.45 7.61
CA GLU A 88 8.30 -15.57 7.32
C GLU A 88 8.40 -15.05 5.89
N GLY A 89 7.38 -15.34 5.08
CA GLY A 89 7.40 -14.93 3.70
C GLY A 89 6.11 -15.27 3.01
N LEU A 90 6.09 -15.04 1.69
CA LEU A 90 4.93 -15.32 0.85
C LEU A 90 5.20 -16.59 0.05
N TYR A 91 4.54 -17.67 0.42
CA TYR A 91 4.68 -18.96 -0.25
C TYR A 91 3.57 -19.13 -1.27
N THR A 92 3.94 -19.42 -2.51
CA THR A 92 3.00 -19.60 -3.60
C THR A 92 3.05 -21.04 -4.12
N CYS A 93 1.92 -21.48 -4.68
CA CYS A 93 1.81 -22.80 -5.30
C CYS A 93 1.45 -22.60 -6.76
N SER A 94 2.47 -22.45 -7.60
CA SER A 94 2.25 -22.27 -9.03
C SER A 94 2.06 -23.64 -9.67
N PHE A 95 0.90 -23.85 -10.29
CA PHE A 95 0.61 -25.09 -10.99
C PHE A 95 -0.01 -24.75 -12.35
N GLN A 96 -0.04 -25.76 -13.21
CA GLN A 96 -0.43 -25.56 -14.60
C GLN A 96 -1.50 -26.58 -15.00
N THR A 97 -2.46 -26.13 -15.79
CA THR A 97 -3.36 -27.03 -16.49
C THR A 97 -2.93 -27.11 -17.95
N ARG A 98 -3.70 -27.87 -18.74
CA ARG A 98 -3.42 -27.94 -20.16
C ARG A 98 -3.59 -26.58 -20.82
N HIS A 99 -4.42 -25.70 -20.23
CA HIS A 99 -4.80 -24.44 -20.84
C HIS A 99 -4.12 -23.23 -20.20
N GLN A 100 -4.27 -23.04 -18.89
CA GLN A 100 -3.83 -21.80 -18.28
C GLN A 100 -3.09 -22.07 -16.97
N PRO A 101 -2.20 -21.16 -16.57
CA PRO A 101 -1.52 -21.30 -15.28
C PRO A 101 -2.41 -20.85 -14.13
N TYR A 102 -1.93 -21.11 -12.92
CA TYR A 102 -2.65 -20.76 -11.71
C TYR A 102 -1.66 -20.42 -10.60
N THR A 103 -2.15 -19.69 -9.60
CA THR A 103 -1.39 -19.41 -8.40
C THR A 103 -2.33 -19.34 -7.20
N THR A 104 -1.97 -20.05 -6.14
CA THR A 104 -2.64 -19.93 -4.86
C THR A 104 -1.56 -19.68 -3.82
N GLN A 105 -1.59 -18.50 -3.20
CA GLN A 105 -0.49 -18.05 -2.36
C GLN A 105 -0.86 -18.15 -0.89
N VAL A 106 0.17 -18.27 -0.06
CA VAL A 106 0.03 -18.38 1.38
C VAL A 106 1.16 -17.59 2.03
N TYR A 107 0.82 -16.70 2.95
CA TYR A 107 1.81 -15.87 3.63
C TYR A 107 2.14 -16.48 4.99
N LEU A 108 3.40 -16.86 5.17
CA LEU A 108 3.83 -17.45 6.43
C LEU A 108 4.15 -16.35 7.44
N ILE A 109 3.57 -16.46 8.63
CA ILE A 109 3.77 -15.51 9.71
C ILE A 109 4.24 -16.27 10.94
N VAL A 110 5.31 -15.79 11.57
CA VAL A 110 5.88 -16.43 12.75
C VAL A 110 5.49 -15.62 13.97
N HIS A 111 4.92 -16.28 14.97
CA HIS A 111 4.52 -15.66 16.22
C HIS A 111 5.43 -16.17 17.34
N VAL A 112 6.16 -15.26 17.97
CA VAL A 112 6.95 -15.58 19.16
C VAL A 112 6.01 -15.47 20.36
N PRO A 113 5.72 -16.55 21.06
CA PRO A 113 4.78 -16.48 22.18
C PRO A 113 5.37 -15.71 23.35
N ALA A 114 4.52 -14.92 24.01
CA ALA A 114 4.98 -14.09 25.12
C ALA A 114 5.45 -14.98 26.26
N ARG A 115 6.56 -14.59 26.88
CA ARG A 115 7.11 -15.33 28.00
C ARG A 115 7.91 -14.40 28.87
N ILE A 116 7.90 -14.66 30.18
CA ILE A 116 8.62 -13.85 31.14
C ILE A 116 10.06 -14.37 31.24
N VAL A 117 11.02 -13.48 31.03
CA VAL A 117 12.43 -13.84 31.09
C VAL A 117 13.09 -13.32 32.36
N ASN A 118 12.59 -12.23 32.94
CA ASN A 118 13.15 -11.67 34.16
C ASN A 118 12.02 -11.14 35.02
N ILE A 119 12.06 -11.48 36.31
CA ILE A 119 11.09 -11.00 37.28
C ILE A 119 11.80 -10.84 38.62
N SER A 120 11.26 -9.99 39.48
CA SER A 120 11.91 -9.67 40.74
C SER A 120 11.89 -10.86 41.68
N SER A 121 12.93 -10.95 42.51
CA SER A 121 13.01 -11.97 43.54
C SER A 121 12.04 -11.64 44.67
N PRO A 122 11.66 -12.63 45.50
CA PRO A 122 10.83 -12.34 46.67
C PRO A 122 11.47 -11.32 47.60
N VAL A 123 10.88 -10.13 47.69
CA VAL A 123 11.48 -8.99 48.37
C VAL A 123 10.85 -8.83 49.75
N THR A 124 11.64 -8.30 50.69
CA THR A 124 11.17 -7.95 52.02
C THR A 124 11.56 -6.51 52.31
N VAL A 125 10.61 -5.72 52.83
CA VAL A 125 10.86 -4.32 53.14
C VAL A 125 10.20 -3.98 54.48
N ASN A 126 10.61 -2.85 55.04
CA ASN A 126 10.01 -2.31 56.25
C ASN A 126 8.81 -1.45 55.88
N GLU A 127 7.78 -1.50 56.73
CA GLU A 127 6.54 -0.77 56.46
C GLU A 127 6.81 0.70 56.22
N GLY A 128 6.10 1.29 55.26
CA GLY A 128 6.37 2.64 54.85
C GLY A 128 7.53 2.80 53.89
N GLY A 129 8.08 1.69 53.42
CA GLY A 129 9.18 1.72 52.48
C GLY A 129 8.72 1.87 51.04
N ASN A 130 9.69 1.79 50.13
CA ASN A 130 9.45 1.94 48.70
C ASN A 130 9.97 0.70 47.98
N VAL A 131 9.10 0.05 47.22
CA VAL A 131 9.40 -1.19 46.53
C VAL A 131 9.17 -1.00 45.04
N ASN A 132 10.11 -1.50 44.23
CA ASN A 132 9.97 -1.51 42.78
C ASN A 132 10.08 -2.94 42.27
N LEU A 133 9.07 -3.37 41.52
CA LEU A 133 9.03 -4.70 40.93
C LEU A 133 9.05 -4.56 39.41
N LEU A 134 9.97 -5.28 38.77
CA LEU A 134 10.07 -5.27 37.31
C LEU A 134 9.73 -6.65 36.76
N CYS A 135 9.07 -6.67 35.60
CA CYS A 135 8.74 -7.91 34.91
C CYS A 135 9.14 -7.74 33.45
N LEU A 136 10.28 -8.33 33.08
CA LEU A 136 10.77 -8.26 31.72
C LEU A 136 10.26 -9.48 30.95
N ALA A 137 9.56 -9.23 29.85
CA ALA A 137 8.97 -10.28 29.04
C ALA A 137 9.33 -10.06 27.58
N VAL A 138 9.53 -11.16 26.86
CA VAL A 138 9.95 -11.11 25.46
C VAL A 138 8.84 -11.69 24.59
N GLY A 139 8.82 -11.27 23.33
CA GLY A 139 7.84 -11.78 22.40
C GLY A 139 7.65 -10.91 21.17
N ARG A 140 7.34 -11.54 20.04
CA ARG A 140 6.99 -10.85 18.81
C ARG A 140 5.56 -11.23 18.45
N PRO A 141 4.61 -10.28 18.41
CA PRO A 141 4.82 -8.84 18.62
C PRO A 141 5.08 -8.48 20.08
N GLU A 142 5.40 -7.21 20.32
CA GLU A 142 5.68 -6.70 21.66
C GLU A 142 4.59 -7.12 22.64
N PRO A 143 4.90 -7.93 23.64
CA PRO A 143 3.87 -8.37 24.57
C PRO A 143 3.49 -7.27 25.55
N THR A 144 2.27 -7.37 26.07
CA THR A 144 1.74 -6.42 27.04
C THR A 144 1.91 -6.99 28.44
N VAL A 145 2.78 -6.36 29.23
CA VAL A 145 3.06 -6.79 30.59
C VAL A 145 2.08 -6.10 31.54
N THR A 146 1.49 -6.87 32.45
CA THR A 146 0.51 -6.35 33.39
C THR A 146 0.79 -6.93 34.77
N TRP A 147 0.93 -6.05 35.76
CA TRP A 147 1.13 -6.47 37.14
C TRP A 147 -0.21 -6.62 37.84
N ARG A 148 -0.23 -7.47 38.86
CA ARG A 148 -1.49 -7.75 39.53
C ARG A 148 -1.19 -8.17 40.97
N GLN A 149 -2.06 -7.78 41.89
CA GLN A 149 -1.95 -8.18 43.28
C GLN A 149 -2.96 -9.30 43.56
N LEU A 150 -2.48 -10.39 44.14
CA LEU A 150 -3.32 -11.58 44.30
C LEU A 150 -4.41 -11.37 45.34
N ARG A 151 -4.02 -10.98 46.57
CA ARG A 151 -5.00 -10.84 47.65
C ARG A 151 -6.02 -9.77 47.34
N ASP A 152 -5.58 -8.61 46.84
CA ASP A 152 -6.43 -7.48 46.56
C ASP A 152 -6.30 -7.10 45.09
N GLY A 153 -7.43 -6.85 44.44
CA GLY A 153 -7.41 -6.60 43.01
C GLY A 153 -6.85 -5.25 42.61
N PHE A 154 -5.58 -5.23 42.22
CA PHE A 154 -4.93 -4.03 41.71
C PHE A 154 -4.08 -4.39 40.50
N THR A 155 -4.23 -3.62 39.43
CA THR A 155 -3.54 -3.88 38.17
C THR A 155 -2.83 -2.62 37.69
N SER A 156 -1.59 -2.78 37.24
CA SER A 156 -0.81 -1.69 36.67
C SER A 156 -0.28 -2.15 35.32
N GLU A 157 -0.71 -1.48 34.25
CA GLU A 157 -0.27 -1.81 32.90
C GLU A 157 1.09 -1.15 32.67
N GLY A 158 2.13 -1.85 33.13
CA GLY A 158 3.50 -1.38 32.99
C GLY A 158 4.50 -2.48 33.29
N GLU A 159 5.63 -2.47 32.58
CA GLU A 159 6.66 -3.47 32.83
C GLU A 159 7.15 -3.43 34.27
N ILE A 160 7.19 -2.25 34.88
CA ILE A 160 7.65 -2.08 36.26
C ILE A 160 6.49 -1.58 37.10
N LEU A 161 6.52 -1.94 38.39
CA LEU A 161 5.50 -1.53 39.35
C LEU A 161 6.20 -1.03 40.60
N GLU A 162 5.88 0.20 41.01
CA GLU A 162 6.43 0.82 42.19
C GLU A 162 5.35 1.00 43.26
N ILE A 163 5.72 0.73 44.51
CA ILE A 163 4.81 0.84 45.65
C ILE A 163 5.43 1.82 46.65
N SER A 164 4.76 2.94 46.87
CA SER A 164 5.22 3.98 47.76
C SER A 164 4.50 3.88 49.11
N ASP A 165 5.27 3.98 50.19
CA ASP A 165 4.75 3.87 51.56
C ASP A 165 3.98 2.57 51.72
N ILE A 166 4.71 1.48 51.52
CA ILE A 166 4.11 0.15 51.54
C ILE A 166 3.53 -0.13 52.92
N GLN A 167 2.34 -0.73 52.95
CA GLN A 167 1.63 -0.97 54.20
C GLN A 167 1.52 -2.46 54.51
N ARG A 168 1.04 -2.74 55.72
CA ARG A 168 0.91 -4.11 56.19
C ARG A 168 -0.08 -4.90 55.34
N GLY A 169 -1.24 -4.29 55.05
CA GLY A 169 -2.25 -4.98 54.26
C GLY A 169 -1.83 -5.26 52.84
N GLN A 170 -0.93 -4.43 52.29
CA GLN A 170 -0.49 -4.63 50.92
C GLN A 170 0.44 -5.83 50.74
N ALA A 171 0.99 -6.38 51.82
CA ALA A 171 1.87 -7.54 51.68
C ALA A 171 1.10 -8.72 51.11
N GLY A 172 1.82 -9.59 50.42
CA GLY A 172 1.24 -10.76 49.80
C GLY A 172 1.94 -11.05 48.48
N GLU A 173 1.25 -11.82 47.64
CA GLU A 173 1.78 -12.19 46.33
C GLU A 173 1.37 -11.19 45.27
N TYR A 174 2.33 -10.81 44.42
CA TYR A 174 2.10 -9.92 43.29
C TYR A 174 2.43 -10.70 42.02
N GLU A 175 1.46 -10.82 41.14
CA GLU A 175 1.57 -11.65 39.94
C GLU A 175 1.80 -10.79 38.71
N CYS A 176 2.73 -11.22 37.85
CA CYS A 176 2.95 -10.61 36.56
C CYS A 176 2.42 -11.54 35.47
N VAL A 177 1.71 -10.96 34.51
CA VAL A 177 1.17 -11.69 33.37
C VAL A 177 1.47 -10.89 32.11
N THR A 178 1.85 -11.59 31.04
CA THR A 178 2.17 -10.97 29.76
C THR A 178 1.54 -11.78 28.65
N HIS A 179 1.08 -11.09 27.60
CA HIS A 179 0.47 -11.77 26.48
C HIS A 179 0.70 -10.96 25.21
N ASN A 180 0.90 -11.66 24.10
CA ASN A 180 0.98 -11.04 22.79
C ASN A 180 -0.25 -11.29 21.95
N GLY A 181 -1.34 -11.76 22.56
CA GLY A 181 -2.57 -12.01 21.86
C GLY A 181 -2.62 -13.29 21.06
N VAL A 182 -1.52 -14.04 20.98
CA VAL A 182 -1.48 -15.27 20.21
C VAL A 182 -2.34 -16.33 20.89
N ASN A 183 -2.57 -17.44 20.21
CA ASN A 183 -3.26 -18.57 20.81
C ASN A 183 -2.44 -19.24 21.90
N SER A 184 -1.22 -18.78 22.13
CA SER A 184 -0.34 -19.35 23.14
C SER A 184 -0.77 -18.95 24.55
N ALA A 185 -0.22 -19.68 25.53
CA ALA A 185 -0.54 -19.49 26.93
C ALA A 185 0.08 -18.20 27.48
N PRO A 186 -0.50 -17.63 28.53
CA PRO A 186 0.02 -16.35 29.06
C PRO A 186 1.38 -16.50 29.75
N ASP A 187 1.66 -17.65 30.36
CA ASP A 187 2.88 -17.87 31.12
C ASP A 187 3.05 -16.80 32.21
N SER A 188 2.14 -16.84 33.17
CA SER A 188 2.15 -15.91 34.29
C SER A 188 3.03 -16.44 35.41
N ARG A 189 3.64 -15.52 36.14
CA ARG A 189 4.50 -15.85 37.27
C ARG A 189 4.16 -14.94 38.44
N ARG A 190 4.46 -15.42 39.64
CA ARG A 190 4.08 -14.75 40.87
C ARG A 190 5.33 -14.42 41.69
N VAL A 191 5.25 -13.34 42.45
CA VAL A 191 6.30 -12.93 43.37
C VAL A 191 5.65 -12.56 44.70
N LEU A 192 6.27 -12.97 45.80
CA LEU A 192 5.74 -12.74 47.13
C LEU A 192 6.44 -11.53 47.74
N VAL A 193 5.65 -10.53 48.12
CA VAL A 193 6.14 -9.35 48.82
C VAL A 193 5.68 -9.46 50.26
N THR A 194 6.62 -9.39 51.19
CA THR A 194 6.34 -9.52 52.62
C THR A 194 6.83 -8.26 53.31
N VAL A 195 5.91 -7.50 53.85
CA VAL A 195 6.28 -6.30 54.59
C VAL A 195 6.52 -6.67 56.03
N ASN A 196 7.59 -6.14 56.60
CA ASN A 196 7.83 -6.30 58.02
C ASN A 196 7.19 -5.13 58.76
N TYR A 197 6.44 -5.42 59.81
CA TYR A 197 5.91 -4.37 60.64
C TYR A 197 6.17 -4.72 62.10
N PRO A 198 6.44 -3.72 62.93
CA PRO A 198 6.70 -4.00 64.35
C PRO A 198 5.42 -4.37 65.07
N PRO A 199 5.50 -5.10 66.17
CA PRO A 199 4.28 -5.55 66.84
C PRO A 199 3.58 -4.38 67.52
N THR A 200 2.25 -4.35 67.37
CA THR A 200 1.40 -3.42 68.07
C THR A 200 0.43 -4.22 68.92
N ILE A 201 0.50 -4.02 70.23
CA ILE A 201 -0.28 -4.83 71.16
C ILE A 201 -1.74 -4.43 71.03
N THR A 202 -2.58 -5.35 70.52
CA THR A 202 -3.98 -5.05 70.25
C THR A 202 -4.90 -5.39 71.43
N ASP A 203 -4.61 -6.47 72.16
CA ASP A 203 -5.51 -6.94 73.21
C ASP A 203 -4.69 -7.35 74.43
N VAL A 204 -5.16 -6.93 75.61
CA VAL A 204 -4.54 -7.27 76.88
C VAL A 204 -5.65 -7.59 77.87
N THR A 205 -5.54 -8.73 78.55
CA THR A 205 -6.53 -9.16 79.53
C THR A 205 -5.87 -9.35 80.88
N SER A 206 -6.54 -8.84 81.91
CA SER A 206 -6.11 -8.99 83.30
C SER A 206 -7.16 -9.81 84.04
N ALA A 207 -6.72 -10.54 85.05
CA ALA A 207 -7.59 -11.42 85.81
C ALA A 207 -7.61 -10.99 87.27
N ARG A 208 -8.82 -10.95 87.84
CA ARG A 208 -9.02 -10.74 89.27
C ARG A 208 -9.85 -11.92 89.77
N THR A 209 -9.16 -12.98 90.18
CA THR A 209 -9.79 -14.22 90.59
C THR A 209 -9.51 -14.48 92.07
N ALA A 210 -10.41 -15.24 92.68
CA ALA A 210 -10.26 -15.58 94.09
C ALA A 210 -9.26 -16.71 94.27
N LEU A 211 -8.87 -16.94 95.52
CA LEU A 211 -7.93 -18.00 95.81
C LEU A 211 -8.57 -19.36 95.56
N GLY A 212 -7.78 -20.30 95.07
CA GLY A 212 -8.25 -21.63 94.73
C GLY A 212 -8.62 -21.81 93.28
N ARG A 213 -8.91 -20.73 92.56
CA ARG A 213 -9.34 -20.78 91.17
C ARG A 213 -8.22 -20.37 90.23
N ALA A 214 -8.26 -20.93 89.03
CA ALA A 214 -7.26 -20.63 88.01
C ALA A 214 -7.54 -19.30 87.32
N ALA A 215 -6.48 -18.72 86.75
CA ALA A 215 -6.56 -17.45 86.04
C ALA A 215 -5.54 -17.47 84.92
N LEU A 216 -5.66 -16.51 84.01
CA LEU A 216 -4.71 -16.40 82.91
C LEU A 216 -4.60 -14.97 82.45
N LEU A 217 -3.38 -14.57 82.06
CA LEU A 217 -3.13 -13.30 81.40
C LEU A 217 -2.67 -13.56 79.98
N ARG A 218 -2.93 -12.59 79.10
CA ARG A 218 -2.55 -12.76 77.69
C ARG A 218 -2.26 -11.40 77.08
N CYS A 219 -1.44 -11.42 76.02
CA CYS A 219 -1.16 -10.26 75.20
C CYS A 219 -1.34 -10.64 73.74
N GLU A 220 -1.88 -9.71 72.94
CA GLU A 220 -2.09 -9.92 71.51
C GLU A 220 -1.34 -8.85 70.74
N ALA A 221 -0.26 -9.25 70.08
CA ALA A 221 0.55 -8.34 69.27
C ALA A 221 1.02 -9.09 68.03
N MET A 222 0.51 -8.70 66.87
CA MET A 222 0.84 -9.37 65.61
C MET A 222 2.03 -8.68 64.96
N ALA A 223 3.02 -9.47 64.54
CA ALA A 223 4.24 -8.94 63.97
C ALA A 223 4.80 -9.90 62.93
N VAL A 224 5.60 -9.35 62.02
CA VAL A 224 6.30 -10.12 61.01
C VAL A 224 7.73 -9.58 60.89
N PRO A 225 8.77 -10.37 61.20
CA PRO A 225 8.74 -11.75 61.72
C PRO A 225 8.03 -11.82 63.06
N PRO A 226 7.45 -12.97 63.40
CA PRO A 226 6.62 -13.05 64.61
C PRO A 226 7.37 -12.56 65.83
N ALA A 227 6.68 -11.73 66.62
CA ALA A 227 7.33 -11.06 67.74
C ALA A 227 7.71 -12.06 68.82
N ASP A 228 8.90 -11.90 69.38
CA ASP A 228 9.33 -12.69 70.53
C ASP A 228 8.71 -12.10 71.78
N PHE A 229 7.76 -12.80 72.37
CA PHE A 229 7.01 -12.31 73.52
C PHE A 229 7.76 -12.62 74.80
N GLN A 230 7.82 -11.63 75.70
CA GLN A 230 8.45 -11.79 77.00
C GLN A 230 7.46 -11.40 78.09
N TRP A 231 7.37 -12.22 79.12
CA TRP A 231 6.54 -11.95 80.28
C TRP A 231 7.40 -11.56 81.47
N TYR A 232 6.90 -10.62 82.26
CA TYR A 232 7.61 -10.14 83.45
C TYR A 232 6.65 -10.14 84.63
N LYS A 233 7.05 -10.81 85.71
CA LYS A 233 6.31 -10.78 86.97
C LYS A 233 6.94 -9.72 87.86
N ASP A 234 6.24 -8.58 88.01
CA ASP A 234 6.79 -7.42 88.68
C ASP A 234 8.11 -7.01 88.04
N ASP A 235 9.22 -7.31 88.70
CA ASP A 235 10.53 -7.07 88.14
C ASP A 235 11.06 -8.26 87.33
N ARG A 236 11.05 -9.45 87.93
CA ARG A 236 11.62 -10.62 87.28
C ARG A 236 10.79 -11.02 86.08
N LEU A 237 11.34 -11.93 85.28
CA LEU A 237 10.66 -12.48 84.12
C LEU A 237 10.42 -13.97 84.34
N LEU A 238 9.34 -14.46 83.71
CA LEU A 238 8.99 -15.87 83.86
C LEU A 238 9.81 -16.72 82.89
N SER A 239 10.08 -17.95 83.32
CA SER A 239 10.86 -18.89 82.54
C SER A 239 10.05 -20.11 82.12
N SER A 240 8.73 -20.10 82.37
CA SER A 240 7.84 -21.20 82.00
C SER A 240 8.27 -22.52 82.61
N GLY A 241 8.82 -22.47 83.83
CA GLY A 241 9.23 -23.66 84.53
C GLY A 241 8.20 -24.09 85.56
N THR A 242 8.25 -25.38 85.92
CA THR A 242 7.32 -25.91 86.91
C THR A 242 7.50 -25.26 88.28
N ALA A 243 8.67 -24.68 88.55
CA ALA A 243 8.85 -23.90 89.77
C ALA A 243 7.96 -22.67 89.73
N GLU A 244 7.39 -22.33 90.89
CA GLU A 244 6.42 -21.25 91.09
C GLU A 244 5.09 -21.52 90.40
N GLY A 245 4.91 -22.67 89.77
CA GLY A 245 3.62 -23.06 89.21
C GLY A 245 3.10 -22.15 88.11
N LEU A 246 3.96 -21.72 87.21
CA LEU A 246 3.57 -20.87 86.10
C LEU A 246 4.07 -21.46 84.79
N LYS A 247 3.30 -21.25 83.72
CA LYS A 247 3.67 -21.74 82.39
C LYS A 247 3.08 -20.80 81.35
N VAL A 248 3.94 -20.27 80.49
CA VAL A 248 3.52 -19.34 79.44
C VAL A 248 3.43 -20.09 78.12
N GLN A 249 2.40 -19.79 77.35
CA GLN A 249 2.23 -20.37 76.02
C GLN A 249 2.30 -19.23 75.01
N THR A 250 3.31 -19.30 74.13
CA THR A 250 3.57 -18.25 73.15
C THR A 250 3.13 -18.73 71.78
N GLU A 251 2.40 -17.88 71.08
CA GLU A 251 1.87 -18.17 69.75
C GLU A 251 2.39 -17.12 68.78
N ARG A 252 2.04 -17.28 67.49
CA ARG A 252 2.52 -16.35 66.48
C ARG A 252 1.98 -14.95 66.74
N THR A 253 0.72 -14.83 67.19
CA THR A 253 0.11 -13.54 67.45
C THR A 253 -0.24 -13.30 68.91
N ARG A 254 0.00 -14.26 69.80
CA ARG A 254 -0.40 -14.13 71.20
C ARG A 254 0.61 -14.83 72.09
N SER A 255 0.48 -14.58 73.40
CA SER A 255 1.25 -15.30 74.41
C SER A 255 0.44 -15.30 75.70
N MET A 256 -0.11 -16.46 76.06
CA MET A 256 -0.92 -16.59 77.26
C MET A 256 -0.04 -16.93 78.46
N LEU A 257 -0.19 -16.16 79.54
CA LEU A 257 0.44 -16.46 80.82
C LEU A 257 -0.57 -17.20 81.67
N LEU A 258 -0.33 -18.49 81.89
CA LEU A 258 -1.30 -19.36 82.53
C LEU A 258 -0.91 -19.60 83.99
N PHE A 259 -1.89 -19.53 84.87
CA PHE A 259 -1.67 -19.76 86.30
C PHE A 259 -2.53 -20.95 86.72
N ALA A 260 -1.88 -22.04 87.13
CA ALA A 260 -2.58 -23.21 87.63
C ALA A 260 -2.76 -23.08 89.13
N ASN A 261 -3.97 -23.35 89.61
CA ASN A 261 -4.35 -23.21 91.02
C ASN A 261 -4.06 -21.78 91.44
N VAL A 262 -3.46 -21.53 92.60
CA VAL A 262 -3.13 -20.20 93.06
C VAL A 262 -1.80 -20.21 93.80
N SER A 263 -1.27 -19.02 94.06
CA SER A 263 -0.08 -18.84 94.87
C SER A 263 -0.08 -17.44 95.46
N ALA A 264 0.38 -17.33 96.71
CA ALA A 264 0.45 -16.02 97.35
C ALA A 264 1.39 -15.08 96.61
N ARG A 265 2.50 -15.62 96.09
CA ARG A 265 3.46 -14.79 95.37
C ARG A 265 2.93 -14.36 94.01
N HIS A 266 2.02 -15.13 93.41
CA HIS A 266 1.53 -14.81 92.07
C HIS A 266 0.82 -13.47 91.97
N TYR A 267 0.26 -12.97 93.07
CA TYR A 267 -0.45 -11.70 93.02
C TYR A 267 0.53 -10.54 92.91
N GLY A 268 0.24 -9.61 92.01
CA GLY A 268 1.08 -8.45 91.81
C GLY A 268 0.98 -7.94 90.39
N ASN A 269 1.83 -6.97 90.09
CA ASN A 269 1.89 -6.36 88.77
C ASN A 269 2.58 -7.27 87.76
N TYR A 270 2.14 -7.18 86.50
CA TYR A 270 2.71 -7.97 85.42
C TYR A 270 2.85 -7.11 84.17
N THR A 271 3.91 -7.36 83.40
CA THR A 271 4.13 -6.66 82.13
C THR A 271 4.54 -7.66 81.07
N CYS A 272 3.91 -7.59 79.90
CA CYS A 272 4.30 -8.38 78.74
C CYS A 272 5.05 -7.49 77.75
N ARG A 273 5.95 -8.10 76.97
CA ARG A 273 6.70 -7.38 75.96
C ARG A 273 6.77 -8.21 74.69
N ALA A 274 6.31 -7.62 73.58
CA ALA A 274 6.38 -8.23 72.25
C ALA A 274 7.33 -7.41 71.40
N ALA A 275 8.38 -8.05 70.88
CA ALA A 275 9.41 -7.34 70.13
C ALA A 275 9.89 -8.19 68.96
N ASN A 276 10.07 -7.52 67.81
CA ASN A 276 10.72 -8.15 66.66
C ASN A 276 11.92 -7.30 66.23
N ARG A 277 12.32 -7.42 64.96
CA ARG A 277 13.48 -6.68 64.48
C ARG A 277 13.20 -5.20 64.31
N LEU A 278 11.93 -4.79 64.19
CA LEU A 278 11.61 -3.41 63.86
C LEU A 278 11.16 -2.58 65.07
N GLY A 279 10.83 -3.21 66.18
CA GLY A 279 10.39 -2.46 67.34
C GLY A 279 9.97 -3.38 68.46
N ALA A 280 9.56 -2.77 69.55
CA ALA A 280 9.11 -3.48 70.74
C ALA A 280 7.83 -2.82 71.25
N SER A 281 7.13 -3.53 72.13
CA SER A 281 5.93 -2.99 72.74
C SER A 281 5.76 -3.64 74.10
N SER A 282 5.08 -2.94 75.01
CA SER A 282 4.86 -3.44 76.35
C SER A 282 3.57 -2.87 76.92
N ALA A 283 2.87 -3.69 77.71
CA ALA A 283 1.64 -3.29 78.38
C ALA A 283 1.63 -3.89 79.78
N SER A 284 0.95 -3.20 80.69
CA SER A 284 0.94 -3.58 82.11
C SER A 284 -0.45 -4.07 82.50
N MET A 285 -0.52 -5.31 82.98
CA MET A 285 -1.73 -5.89 83.53
C MET A 285 -1.46 -6.43 84.92
N ARG A 286 -2.52 -6.56 85.71
CA ARG A 286 -2.42 -6.96 87.10
C ARG A 286 -3.17 -8.27 87.35
N LEU A 287 -2.89 -8.86 88.51
CA LEU A 287 -3.54 -10.08 88.98
C LEU A 287 -4.03 -9.82 90.40
N LEU A 288 -5.34 -9.71 90.57
CA LEU A 288 -5.93 -9.27 91.83
C LEU A 288 -6.83 -10.36 92.40
N ARG A 289 -7.38 -10.08 93.58
CA ARG A 289 -8.27 -11.01 94.27
C ARG A 289 -9.67 -10.42 94.40
N PRO B 19 19.12 -4.69 -7.83
CA PRO B 19 19.36 -5.86 -8.68
C PRO B 19 18.17 -6.22 -9.56
N ALA B 20 17.55 -5.20 -10.15
CA ALA B 20 16.43 -5.36 -11.05
C ALA B 20 16.80 -4.67 -12.36
N ASP B 21 17.04 -5.47 -13.40
CA ASP B 21 17.47 -4.94 -14.67
C ASP B 21 16.26 -4.63 -15.55
N ASN B 22 16.44 -3.73 -16.50
CA ASN B 22 15.38 -3.32 -17.39
C ASN B 22 15.63 -3.86 -18.79
N TYR B 23 14.62 -4.54 -19.33
CA TYR B 23 14.64 -5.12 -20.66
C TYR B 23 13.43 -4.58 -21.41
N THR B 24 13.62 -3.42 -22.06
CA THR B 24 12.57 -2.78 -22.82
C THR B 24 12.58 -3.27 -24.27
N VAL B 25 11.42 -3.65 -24.77
CA VAL B 25 11.27 -4.08 -26.16
C VAL B 25 10.13 -3.33 -26.81
N CYS B 26 10.26 -3.09 -28.11
CA CYS B 26 9.17 -2.53 -28.89
C CYS B 26 8.12 -3.60 -29.14
N GLU B 27 6.86 -3.18 -29.10
CA GLU B 27 5.74 -4.12 -29.19
C GLU B 27 5.76 -4.88 -30.50
N GLY B 28 5.46 -6.18 -30.43
CA GLY B 28 5.42 -7.05 -31.58
C GLY B 28 6.72 -7.76 -31.90
N ASP B 29 7.84 -7.33 -31.31
CA ASP B 29 9.13 -7.97 -31.59
C ASP B 29 9.31 -9.22 -30.74
N ASN B 30 10.52 -9.75 -30.75
CA ASN B 30 10.90 -10.95 -30.02
C ASN B 30 11.71 -10.56 -28.79
N ALA B 31 11.32 -11.08 -27.63
CA ALA B 31 12.05 -10.88 -26.39
C ALA B 31 12.83 -12.14 -26.07
N THR B 32 14.12 -11.98 -25.75
CA THR B 32 15.00 -13.10 -25.46
C THR B 32 15.58 -12.93 -24.06
N LEU B 33 15.41 -13.96 -23.24
CA LEU B 33 15.75 -13.91 -21.82
C LEU B 33 16.85 -14.94 -21.56
N SER B 34 18.09 -14.47 -21.49
CA SER B 34 19.23 -15.32 -21.20
C SER B 34 19.55 -15.30 -19.71
N CYS B 35 19.95 -16.45 -19.17
CA CYS B 35 20.30 -16.59 -17.76
C CYS B 35 21.61 -17.37 -17.68
N PHE B 36 22.70 -16.66 -17.44
CA PHE B 36 24.04 -17.24 -17.49
C PHE B 36 24.40 -17.85 -16.14
N ILE B 37 24.92 -19.08 -16.17
CA ILE B 37 25.19 -19.86 -14.97
C ILE B 37 26.57 -20.51 -15.09
N ASP B 38 27.13 -20.87 -13.93
CA ASP B 38 28.37 -21.62 -13.86
C ASP B 38 28.09 -23.11 -14.05
N GLU B 39 29.16 -23.91 -14.00
CA GLU B 39 29.03 -25.35 -14.22
C GLU B 39 28.18 -26.02 -13.15
N HIS B 40 28.37 -25.64 -11.88
CA HIS B 40 27.74 -26.31 -10.74
C HIS B 40 26.37 -25.71 -10.41
N VAL B 41 25.39 -26.04 -11.25
CA VAL B 41 24.01 -25.59 -11.03
C VAL B 41 23.10 -26.83 -11.01
N THR B 42 22.44 -27.04 -9.87
CA THR B 42 21.59 -28.22 -9.70
C THR B 42 20.35 -28.15 -10.59
N ARG B 43 19.65 -27.02 -10.57
CA ARG B 43 18.41 -26.83 -11.30
C ARG B 43 18.34 -25.40 -11.78
N VAL B 44 17.45 -25.13 -12.73
CA VAL B 44 17.31 -23.78 -13.28
C VAL B 44 15.93 -23.67 -13.92
N ALA B 45 15.34 -22.48 -13.83
CA ALA B 45 14.02 -22.24 -14.39
C ALA B 45 13.80 -20.75 -14.57
N TRP B 46 13.00 -20.40 -15.57
CA TRP B 46 12.49 -19.05 -15.78
C TRP B 46 11.05 -18.96 -15.29
N LEU B 47 10.68 -17.78 -14.79
CA LEU B 47 9.36 -17.59 -14.21
C LEU B 47 8.71 -16.30 -14.68
N ASN B 48 7.40 -16.38 -14.91
CA ASN B 48 6.55 -15.23 -15.19
C ASN B 48 5.95 -14.77 -13.88
N ARG B 49 6.42 -13.63 -13.38
CA ARG B 49 6.02 -13.15 -12.07
C ARG B 49 6.26 -14.30 -11.10
N SER B 50 5.18 -14.97 -10.70
CA SER B 50 5.28 -16.16 -9.86
C SER B 50 4.89 -17.44 -10.60
N ASN B 51 4.78 -17.40 -11.93
CA ASN B 51 4.37 -18.56 -12.73
C ASN B 51 5.55 -19.15 -13.47
N ILE B 52 5.67 -20.48 -13.40
CA ILE B 52 6.77 -21.20 -14.03
C ILE B 52 6.49 -21.38 -15.52
N LEU B 53 7.48 -21.05 -16.36
CA LEU B 53 7.39 -21.25 -17.80
C LEU B 53 8.09 -22.53 -18.24
N TYR B 54 9.39 -22.62 -17.97
CA TYR B 54 10.20 -23.79 -18.31
C TYR B 54 11.06 -24.14 -17.12
N ALA B 55 11.00 -25.40 -16.69
CA ALA B 55 11.87 -25.91 -15.63
C ALA B 55 12.79 -26.92 -16.30
N GLY B 56 14.01 -26.50 -16.57
CA GLY B 56 14.89 -27.34 -17.37
C GLY B 56 14.28 -27.55 -18.75
N ASN B 57 14.12 -28.80 -19.14
CA ASN B 57 13.46 -29.17 -20.38
C ASN B 57 11.96 -29.37 -20.25
N ASP B 58 11.37 -28.96 -19.13
CA ASP B 58 9.95 -29.18 -18.90
C ASP B 58 9.19 -27.92 -19.29
N ARG B 59 8.26 -28.05 -20.23
CA ARG B 59 7.39 -26.94 -20.59
C ARG B 59 6.27 -26.87 -19.57
N TRP B 60 6.24 -25.79 -18.80
CA TRP B 60 5.13 -25.54 -17.90
C TRP B 60 4.08 -24.64 -18.54
N THR B 61 4.50 -23.60 -19.24
CA THR B 61 3.55 -22.65 -19.81
C THR B 61 2.85 -23.25 -21.02
N SER B 62 1.53 -23.09 -21.06
CA SER B 62 0.72 -23.51 -22.19
C SER B 62 0.63 -22.44 -23.27
N ASP B 63 1.45 -21.40 -23.17
CA ASP B 63 1.49 -20.35 -24.18
C ASP B 63 2.44 -20.77 -25.29
N PRO B 64 1.97 -20.92 -26.54
CA PRO B 64 2.87 -21.34 -27.62
C PRO B 64 3.87 -20.28 -28.04
N ARG B 65 3.84 -19.09 -27.46
CA ARG B 65 4.82 -18.06 -27.76
C ARG B 65 6.12 -18.22 -26.99
N VAL B 66 6.10 -18.96 -25.88
CA VAL B 66 7.30 -19.16 -25.06
C VAL B 66 8.11 -20.30 -25.66
N ARG B 67 9.32 -19.99 -26.13
CA ARG B 67 10.20 -20.97 -26.74
C ARG B 67 11.55 -20.99 -26.03
N LEU B 68 12.16 -22.17 -25.99
CA LEU B 68 13.43 -22.41 -25.30
C LEU B 68 14.58 -22.31 -26.30
N LEU B 69 15.44 -21.31 -26.12
CA LEU B 69 16.55 -21.09 -27.05
C LEU B 69 17.77 -21.94 -26.73
N ILE B 70 18.33 -21.77 -25.53
CA ILE B 70 19.59 -22.40 -25.16
C ILE B 70 19.45 -23.06 -23.79
N ASN B 71 19.87 -24.32 -23.68
CA ASN B 71 19.81 -25.04 -22.42
C ASN B 71 21.20 -25.57 -22.02
N THR B 72 22.25 -24.90 -22.48
CA THR B 72 23.63 -25.27 -22.13
C THR B 72 23.80 -25.23 -20.61
N PRO B 73 24.63 -26.12 -20.03
CA PRO B 73 24.94 -26.01 -18.61
C PRO B 73 25.72 -24.76 -18.24
N GLU B 74 25.82 -23.81 -19.17
CA GLU B 74 26.44 -22.52 -18.92
C GLU B 74 25.49 -21.35 -19.11
N GLU B 75 24.45 -21.49 -19.94
CA GLU B 75 23.42 -20.47 -20.04
C GLU B 75 22.10 -21.13 -20.38
N PHE B 76 21.02 -20.56 -19.83
CA PHE B 76 19.67 -21.11 -19.94
C PHE B 76 18.78 -20.00 -20.49
N SER B 77 18.53 -20.01 -21.79
CA SER B 77 17.91 -18.89 -22.49
C SER B 77 16.61 -19.33 -23.15
N ILE B 78 15.57 -18.52 -22.99
CA ILE B 78 14.27 -18.75 -23.62
C ILE B 78 13.92 -17.52 -24.47
N LEU B 79 12.81 -17.64 -25.20
CA LEU B 79 12.38 -16.62 -26.14
C LEU B 79 10.87 -16.43 -26.05
N ILE B 80 10.42 -15.18 -26.17
CA ILE B 80 9.01 -14.85 -26.25
C ILE B 80 8.73 -14.24 -27.62
N THR B 81 7.86 -14.89 -28.39
CA THR B 81 7.51 -14.42 -29.72
C THR B 81 6.24 -13.58 -29.65
N GLU B 82 6.24 -12.48 -30.41
CA GLU B 82 5.11 -11.54 -30.43
C GLU B 82 4.81 -11.00 -29.05
N VAL B 83 5.59 -10.01 -28.59
CA VAL B 83 5.38 -9.44 -27.27
C VAL B 83 4.15 -8.56 -27.27
N GLY B 84 3.32 -8.70 -26.24
CA GLY B 84 2.15 -7.85 -26.06
C GLY B 84 2.28 -7.02 -24.79
N LEU B 85 1.31 -6.11 -24.62
CA LEU B 85 1.27 -5.27 -23.44
C LEU B 85 1.06 -6.09 -22.17
N GLY B 86 0.38 -7.23 -22.28
CA GLY B 86 0.20 -8.12 -21.14
C GLY B 86 1.44 -8.84 -20.69
N ASP B 87 2.49 -8.85 -21.53
CA ASP B 87 3.75 -9.50 -21.19
C ASP B 87 4.62 -8.67 -20.26
N GLU B 88 4.27 -7.41 -20.02
CA GLU B 88 5.04 -6.60 -19.07
C GLU B 88 4.94 -7.19 -17.68
N GLY B 89 6.08 -7.54 -17.11
CA GLY B 89 6.12 -8.15 -15.80
C GLY B 89 7.54 -8.34 -15.32
N LEU B 90 7.67 -8.99 -14.18
CA LEU B 90 8.96 -9.26 -13.57
C LEU B 90 9.31 -10.73 -13.78
N TYR B 91 10.25 -11.00 -14.67
CA TYR B 91 10.71 -12.36 -14.94
C TYR B 91 11.96 -12.64 -14.11
N THR B 92 11.93 -13.72 -13.35
CA THR B 92 13.05 -14.13 -12.53
C THR B 92 13.58 -15.47 -13.02
N CYS B 93 14.88 -15.70 -12.80
CA CYS B 93 15.54 -16.95 -13.15
C CYS B 93 16.03 -17.57 -11.84
N SER B 94 15.15 -18.34 -11.20
CA SER B 94 15.49 -19.00 -9.95
C SER B 94 16.24 -20.30 -10.24
N PHE B 95 17.47 -20.41 -9.74
CA PHE B 95 18.26 -21.62 -9.91
C PHE B 95 18.93 -21.97 -8.59
N GLN B 96 19.43 -23.20 -8.52
CA GLN B 96 19.97 -23.79 -7.30
C GLN B 96 21.35 -24.37 -7.55
N THR B 97 22.24 -24.20 -6.57
CA THR B 97 23.48 -24.95 -6.52
C THR B 97 23.36 -26.03 -5.45
N ARG B 98 24.45 -26.76 -5.23
CA ARG B 98 24.46 -27.76 -4.16
C ARG B 98 24.27 -27.14 -2.79
N HIS B 99 24.60 -25.87 -2.63
CA HIS B 99 24.61 -25.22 -1.33
C HIS B 99 23.44 -24.25 -1.14
N GLN B 100 23.28 -23.27 -2.02
CA GLN B 100 22.32 -22.20 -1.78
C GLN B 100 21.55 -21.89 -3.05
N PRO B 101 20.33 -21.36 -2.92
CA PRO B 101 19.54 -20.96 -4.09
C PRO B 101 20.01 -19.64 -4.66
N TYR B 102 19.47 -19.30 -5.83
CA TYR B 102 19.82 -18.06 -6.50
C TYR B 102 18.64 -17.54 -7.29
N THR B 103 18.66 -16.23 -7.55
CA THR B 103 17.66 -15.57 -8.40
C THR B 103 18.32 -14.40 -9.12
N THR B 104 18.11 -14.32 -10.43
CA THR B 104 18.50 -13.16 -11.22
C THR B 104 17.28 -12.67 -11.97
N GLN B 105 16.84 -11.46 -11.67
CA GLN B 105 15.56 -10.95 -12.15
C GLN B 105 15.74 -9.95 -13.28
N VAL B 106 14.72 -9.87 -14.14
CA VAL B 106 14.69 -8.97 -15.29
C VAL B 106 13.27 -8.47 -15.47
N TYR B 107 13.10 -7.16 -15.59
CA TYR B 107 11.79 -6.55 -15.74
C TYR B 107 11.53 -6.26 -17.21
N LEU B 108 10.49 -6.89 -17.75
CA LEU B 108 10.12 -6.70 -19.15
C LEU B 108 9.27 -5.45 -19.32
N ILE B 109 9.67 -4.59 -20.25
CA ILE B 109 8.94 -3.35 -20.55
C ILE B 109 8.64 -3.34 -22.03
N VAL B 110 7.38 -3.09 -22.38
CA VAL B 110 6.93 -3.03 -23.77
C VAL B 110 6.71 -1.58 -24.14
N HIS B 111 7.29 -1.16 -25.27
CA HIS B 111 7.13 0.20 -25.77
C HIS B 111 6.22 0.16 -27.00
N VAL B 112 5.05 0.78 -26.89
CA VAL B 112 4.13 0.93 -28.01
C VAL B 112 4.51 2.19 -28.78
N PRO B 113 4.87 2.08 -30.07
CA PRO B 113 5.26 3.28 -30.81
C PRO B 113 4.07 4.21 -31.00
N ALA B 114 4.35 5.52 -30.94
CA ALA B 114 3.31 6.52 -30.98
C ALA B 114 2.56 6.51 -32.31
N ARG B 115 1.24 6.70 -32.24
CA ARG B 115 0.39 6.74 -33.41
C ARG B 115 -0.84 7.58 -33.11
N ILE B 116 -1.35 8.26 -34.13
CA ILE B 116 -2.55 9.08 -34.01
C ILE B 116 -3.76 8.18 -34.20
N VAL B 117 -4.68 8.19 -33.22
CA VAL B 117 -5.84 7.31 -33.27
C VAL B 117 -7.10 8.09 -33.64
N ASN B 118 -7.16 9.35 -33.27
CA ASN B 118 -8.32 10.18 -33.60
C ASN B 118 -7.86 11.61 -33.82
N ILE B 119 -8.42 12.23 -34.87
CA ILE B 119 -8.11 13.61 -35.21
C ILE B 119 -9.39 14.24 -35.76
N SER B 120 -9.45 15.57 -35.65
CA SER B 120 -10.67 16.28 -36.02
C SER B 120 -10.92 16.19 -37.53
N SER B 121 -12.20 16.20 -37.89
CA SER B 121 -12.58 16.17 -39.29
C SER B 121 -12.32 17.53 -39.93
N PRO B 122 -12.22 17.59 -41.26
CA PRO B 122 -12.07 18.89 -41.94
C PRO B 122 -13.22 19.82 -41.62
N VAL B 123 -12.94 20.88 -40.88
CA VAL B 123 -13.96 21.76 -40.32
C VAL B 123 -14.07 23.01 -41.19
N THR B 124 -15.28 23.58 -41.21
CA THR B 124 -15.55 24.86 -41.87
C THR B 124 -16.21 25.77 -40.86
N VAL B 125 -15.72 27.00 -40.76
CA VAL B 125 -16.26 27.98 -39.82
C VAL B 125 -16.38 29.34 -40.52
N ASN B 126 -17.16 30.21 -39.91
CA ASN B 126 -17.28 31.59 -40.37
C ASN B 126 -16.20 32.45 -39.74
N GLU B 127 -15.70 33.43 -40.49
CA GLU B 127 -14.64 34.28 -40.00
C GLU B 127 -15.04 34.92 -38.68
N GLY B 128 -14.09 35.00 -37.76
CA GLY B 128 -14.43 35.45 -36.42
C GLY B 128 -15.04 34.40 -35.54
N GLY B 129 -15.04 33.14 -35.96
CA GLY B 129 -15.55 32.07 -35.15
C GLY B 129 -14.51 31.55 -34.18
N ASN B 130 -14.89 30.51 -33.44
CA ASN B 130 -14.01 29.89 -32.44
C ASN B 130 -13.91 28.41 -32.78
N VAL B 131 -12.69 27.93 -33.01
CA VAL B 131 -12.45 26.57 -33.48
C VAL B 131 -11.58 25.84 -32.46
N ASN B 132 -11.94 24.59 -32.17
CA ASN B 132 -11.14 23.71 -31.34
C ASN B 132 -10.81 22.43 -32.11
N LEU B 133 -9.52 22.11 -32.19
CA LEU B 133 -9.05 20.91 -32.85
C LEU B 133 -8.42 19.99 -31.82
N LEU B 134 -8.83 18.72 -31.81
CA LEU B 134 -8.28 17.72 -30.91
C LEU B 134 -7.51 16.68 -31.71
N CYS B 135 -6.39 16.23 -31.14
CA CYS B 135 -5.57 15.17 -31.73
C CYS B 135 -5.27 14.14 -30.65
N LEU B 136 -5.98 13.02 -30.69
CA LEU B 136 -5.79 11.96 -29.71
C LEU B 136 -4.76 10.97 -30.24
N ALA B 137 -3.69 10.77 -29.47
CA ALA B 137 -2.62 9.87 -29.86
C ALA B 137 -2.29 8.95 -28.68
N VAL B 138 -1.94 7.71 -28.99
CA VAL B 138 -1.64 6.70 -27.99
C VAL B 138 -0.19 6.27 -28.12
N GLY B 139 0.36 5.76 -27.04
CA GLY B 139 1.73 5.29 -27.03
C GLY B 139 2.35 5.12 -25.66
N ARG B 140 3.25 4.16 -25.54
CA ARG B 140 4.03 3.94 -24.33
C ARG B 140 5.51 4.16 -24.66
N PRO B 141 6.19 5.15 -24.06
CA PRO B 141 5.71 6.08 -23.04
C PRO B 141 4.74 7.13 -23.58
N GLU B 142 4.21 7.97 -22.68
CA GLU B 142 3.25 9.00 -23.03
C GLU B 142 3.73 9.80 -24.24
N PRO B 143 3.04 9.76 -25.36
CA PRO B 143 3.49 10.49 -26.55
C PRO B 143 3.24 11.99 -26.40
N THR B 144 4.06 12.76 -27.10
CA THR B 144 3.96 14.22 -27.10
C THR B 144 3.20 14.66 -28.35
N VAL B 145 2.00 15.19 -28.15
CA VAL B 145 1.18 15.67 -29.27
C VAL B 145 1.56 17.12 -29.56
N THR B 146 1.78 17.43 -30.83
CA THR B 146 2.20 18.76 -31.24
C THR B 146 1.41 19.19 -32.46
N TRP B 147 0.76 20.34 -32.39
CA TRP B 147 0.03 20.91 -33.52
C TRP B 147 0.92 21.87 -34.30
N ARG B 148 0.60 22.03 -35.58
CA ARG B 148 1.36 22.88 -36.48
C ARG B 148 0.46 23.36 -37.61
N GLN B 149 0.69 24.60 -38.03
CA GLN B 149 0.01 25.18 -39.18
C GLN B 149 0.95 25.16 -40.38
N LEU B 150 0.45 24.67 -41.51
CA LEU B 150 1.31 24.47 -42.68
C LEU B 150 1.74 25.81 -43.28
N ARG B 151 0.78 26.68 -43.58
CA ARG B 151 1.08 27.94 -44.24
C ARG B 151 2.00 28.81 -43.37
N ASP B 152 1.69 28.92 -42.08
CA ASP B 152 2.46 29.75 -41.16
C ASP B 152 3.00 28.86 -40.04
N GLY B 153 4.29 29.00 -39.77
CA GLY B 153 4.94 28.18 -38.77
C GLY B 153 4.60 28.58 -37.35
N PHE B 154 3.65 27.86 -36.74
CA PHE B 154 3.30 28.04 -35.34
C PHE B 154 3.15 26.66 -34.73
N THR B 155 3.75 26.46 -33.55
CA THR B 155 3.77 25.16 -32.90
C THR B 155 3.21 25.29 -31.50
N SER B 156 2.31 24.38 -31.16
CA SER B 156 1.69 24.32 -29.83
C SER B 156 1.79 22.90 -29.31
N GLU B 157 2.50 22.73 -28.20
CA GLU B 157 2.66 21.42 -27.55
C GLU B 157 1.42 21.15 -26.71
N GLY B 158 0.39 20.60 -27.35
CA GLY B 158 -0.83 20.27 -26.64
C GLY B 158 -1.75 19.38 -27.45
N GLU B 159 -2.46 18.48 -26.77
CA GLU B 159 -3.40 17.58 -27.45
C GLU B 159 -4.48 18.37 -28.18
N ILE B 160 -4.92 19.49 -27.61
CA ILE B 160 -5.98 20.31 -28.20
C ILE B 160 -5.42 21.67 -28.57
N LEU B 161 -6.01 22.26 -29.61
CA LEU B 161 -5.66 23.59 -30.07
C LEU B 161 -6.93 24.38 -30.33
N GLU B 162 -7.04 25.56 -29.73
CA GLU B 162 -8.19 26.43 -29.92
C GLU B 162 -7.78 27.66 -30.71
N ILE B 163 -8.64 28.10 -31.63
CA ILE B 163 -8.41 29.29 -32.42
C ILE B 163 -9.60 30.22 -32.20
N SER B 164 -9.34 31.36 -31.55
CA SER B 164 -10.40 32.31 -31.23
C SER B 164 -10.40 33.47 -32.22
N ASP B 165 -11.57 33.79 -32.75
CA ASP B 165 -11.78 34.87 -33.72
C ASP B 165 -10.76 34.78 -34.86
N ILE B 166 -10.76 33.62 -35.52
CA ILE B 166 -9.81 33.36 -36.59
C ILE B 166 -10.06 34.30 -37.76
N GLN B 167 -8.98 34.73 -38.40
CA GLN B 167 -9.08 35.56 -39.60
C GLN B 167 -8.84 34.71 -40.83
N ARG B 168 -9.06 35.32 -41.99
CA ARG B 168 -8.97 34.60 -43.24
C ARG B 168 -7.59 33.99 -43.46
N GLY B 169 -6.54 34.76 -43.18
CA GLY B 169 -5.18 34.27 -43.39
C GLY B 169 -4.80 33.08 -42.51
N GLN B 170 -5.41 32.96 -41.32
CA GLN B 170 -5.09 31.85 -40.43
C GLN B 170 -5.65 30.52 -40.92
N ALA B 171 -6.59 30.55 -41.85
CA ALA B 171 -7.14 29.34 -42.44
C ALA B 171 -6.08 28.58 -43.23
N GLY B 172 -6.31 27.29 -43.38
CA GLY B 172 -5.38 26.43 -44.11
C GLY B 172 -5.37 25.04 -43.50
N GLU B 173 -4.30 24.30 -43.78
CA GLU B 173 -4.14 22.96 -43.25
C GLU B 173 -3.42 23.02 -41.92
N TYR B 174 -3.93 22.25 -40.96
CA TYR B 174 -3.34 22.15 -39.63
C TYR B 174 -2.89 20.71 -39.38
N GLU B 175 -1.60 20.54 -39.11
CA GLU B 175 -0.99 19.23 -38.98
C GLU B 175 -0.76 18.89 -37.51
N CYS B 176 -1.08 17.65 -37.14
CA CYS B 176 -0.76 17.11 -35.83
C CYS B 176 0.35 16.09 -35.96
N VAL B 177 1.33 16.18 -35.07
CA VAL B 177 2.44 15.24 -35.03
C VAL B 177 2.66 14.79 -33.59
N THR B 178 2.94 13.50 -33.41
CA THR B 178 3.13 12.94 -32.09
C THR B 178 4.33 12.00 -32.10
N HIS B 179 5.07 11.97 -31.00
CA HIS B 179 6.23 11.10 -30.92
C HIS B 179 6.50 10.75 -29.45
N ASN B 180 6.92 9.50 -29.22
CA ASN B 180 7.31 9.04 -27.91
C ASN B 180 8.82 8.89 -27.77
N GLY B 181 9.58 9.49 -28.70
CA GLY B 181 11.03 9.43 -28.66
C GLY B 181 11.64 8.15 -29.17
N VAL B 182 10.83 7.15 -29.52
CA VAL B 182 11.35 5.88 -30.00
C VAL B 182 11.96 6.07 -31.38
N ASN B 183 12.66 5.05 -31.87
CA ASN B 183 13.20 5.09 -33.23
C ASN B 183 12.11 5.00 -34.29
N SER B 184 10.86 4.80 -33.91
CA SER B 184 9.76 4.71 -34.86
C SER B 184 9.39 6.10 -35.39
N ALA B 185 8.66 6.10 -36.50
CA ALA B 185 8.25 7.34 -37.13
C ALA B 185 7.16 8.02 -36.31
N PRO B 186 7.06 9.35 -36.40
CA PRO B 186 6.07 10.08 -35.60
C PRO B 186 4.62 9.84 -36.01
N ASP B 187 4.36 9.52 -37.28
CA ASP B 187 3.00 9.34 -37.78
C ASP B 187 2.17 10.61 -37.62
N SER B 188 2.54 11.62 -38.41
CA SER B 188 1.82 12.88 -38.43
C SER B 188 0.66 12.83 -39.42
N ARG B 189 -0.41 13.55 -39.10
CA ARG B 189 -1.59 13.63 -39.96
C ARG B 189 -2.06 15.08 -40.03
N ARG B 190 -2.78 15.41 -41.11
CA ARG B 190 -3.16 16.78 -41.42
C ARG B 190 -4.67 16.93 -41.51
N VAL B 191 -5.14 18.13 -41.18
CA VAL B 191 -6.55 18.52 -41.31
C VAL B 191 -6.61 19.90 -41.94
N LEU B 192 -7.55 20.10 -42.87
CA LEU B 192 -7.71 21.36 -43.58
C LEU B 192 -8.84 22.17 -42.95
N VAL B 193 -8.52 23.39 -42.54
CA VAL B 193 -9.48 24.33 -41.97
C VAL B 193 -9.78 25.42 -43.00
N THR B 194 -11.07 25.61 -43.30
CA THR B 194 -11.52 26.60 -44.28
C THR B 194 -12.49 27.55 -43.60
N VAL B 195 -12.09 28.82 -43.49
CA VAL B 195 -12.92 29.87 -42.88
C VAL B 195 -13.77 30.52 -43.97
N ASN B 196 -15.03 30.81 -43.63
CA ASN B 196 -15.93 31.54 -44.52
C ASN B 196 -15.79 33.06 -44.28
N TYR B 197 -15.66 33.82 -45.37
CA TYR B 197 -15.67 35.27 -45.27
C TYR B 197 -16.57 35.89 -46.33
N PRO B 198 -17.23 37.00 -46.02
CA PRO B 198 -18.09 37.67 -47.00
C PRO B 198 -17.26 38.38 -48.06
N PRO B 199 -17.83 38.61 -49.25
CA PRO B 199 -17.04 39.19 -50.34
C PRO B 199 -16.72 40.66 -50.13
N THR B 200 -15.47 41.01 -50.42
CA THR B 200 -15.02 42.40 -50.46
C THR B 200 -14.45 42.64 -51.85
N ILE B 201 -15.06 43.57 -52.59
CA ILE B 201 -14.69 43.80 -53.99
C ILE B 201 -13.31 44.44 -54.04
N THR B 202 -12.33 43.72 -54.58
CA THR B 202 -10.96 44.18 -54.62
C THR B 202 -10.63 44.97 -55.88
N ASP B 203 -11.22 44.61 -57.01
CA ASP B 203 -10.87 45.22 -58.29
C ASP B 203 -12.14 45.51 -59.08
N VAL B 204 -12.19 46.70 -59.67
CA VAL B 204 -13.31 47.13 -60.51
C VAL B 204 -12.72 47.85 -61.72
N THR B 205 -13.17 47.48 -62.90
CA THR B 205 -12.67 48.07 -64.14
C THR B 205 -13.84 48.71 -64.89
N SER B 206 -13.61 49.93 -65.37
CA SER B 206 -14.58 50.65 -66.18
C SER B 206 -14.00 50.86 -67.57
N ALA B 207 -14.88 50.87 -68.56
CA ALA B 207 -14.48 51.03 -69.95
C ALA B 207 -15.19 52.23 -70.53
N ARG B 208 -14.46 53.07 -71.26
CA ARG B 208 -15.07 54.12 -72.08
C ARG B 208 -14.51 53.94 -73.49
N THR B 209 -15.25 53.20 -74.30
CA THR B 209 -14.80 52.80 -75.62
C THR B 209 -15.64 53.48 -76.69
N ALA B 210 -15.02 53.63 -77.87
CA ALA B 210 -15.73 54.25 -78.98
C ALA B 210 -16.66 53.23 -79.63
N LEU B 211 -17.53 53.73 -80.50
CA LEU B 211 -18.46 52.87 -81.19
C LEU B 211 -17.72 52.00 -82.20
N GLY B 212 -18.23 50.78 -82.38
CA GLY B 212 -17.64 49.78 -83.26
C GLY B 212 -16.78 48.73 -82.58
N ARG B 213 -16.24 49.02 -81.39
CA ARG B 213 -15.33 48.11 -80.71
C ARG B 213 -16.00 47.42 -79.53
N ALA B 214 -15.55 46.20 -79.23
CA ALA B 214 -16.08 45.47 -78.10
C ALA B 214 -15.44 45.96 -76.80
N ALA B 215 -16.15 45.74 -75.70
CA ALA B 215 -15.70 46.20 -74.39
C ALA B 215 -16.15 45.21 -73.33
N LEU B 216 -15.57 45.36 -72.13
CA LEU B 216 -15.93 44.50 -71.01
C LEU B 216 -15.75 45.24 -69.69
N LEU B 217 -16.64 44.94 -68.75
CA LEU B 217 -16.52 45.36 -67.36
C LEU B 217 -16.32 44.12 -66.50
N ARG B 218 -15.69 44.30 -65.35
CA ARG B 218 -15.40 43.17 -64.50
C ARG B 218 -15.44 43.57 -63.03
N CYS B 219 -15.72 42.59 -62.17
CA CYS B 219 -15.64 42.74 -60.73
C CYS B 219 -14.82 41.59 -60.16
N GLU B 220 -14.01 41.89 -59.16
CA GLU B 220 -13.18 40.91 -58.48
C GLU B 220 -13.53 40.94 -57.00
N ALA B 221 -14.21 39.89 -56.53
CA ALA B 221 -14.60 39.77 -55.13
C ALA B 221 -14.42 38.32 -54.73
N MET B 222 -13.43 38.07 -53.86
CA MET B 222 -13.13 36.71 -53.43
C MET B 222 -13.92 36.41 -52.17
N ALA B 223 -14.60 35.28 -52.16
CA ALA B 223 -15.47 34.91 -51.04
C ALA B 223 -15.47 33.40 -50.90
N VAL B 224 -15.78 32.95 -49.68
CA VAL B 224 -15.94 31.53 -49.40
C VAL B 224 -17.16 31.34 -48.52
N PRO B 225 -18.21 30.64 -48.98
CA PRO B 225 -18.34 30.07 -50.33
C PRO B 225 -18.29 31.15 -51.42
N PRO B 226 -17.88 30.78 -52.63
CA PRO B 226 -17.65 31.79 -53.68
C PRO B 226 -18.87 32.67 -53.89
N ALA B 227 -18.62 33.97 -54.03
CA ALA B 227 -19.70 34.94 -54.06
C ALA B 227 -20.55 34.77 -55.32
N ASP B 228 -21.86 34.86 -55.14
CA ASP B 228 -22.80 34.87 -56.25
C ASP B 228 -22.86 36.29 -56.82
N PHE B 229 -22.34 36.48 -58.02
CA PHE B 229 -22.22 37.81 -58.60
C PHE B 229 -23.49 38.21 -59.33
N GLN B 230 -23.91 39.46 -59.11
CA GLN B 230 -25.08 40.05 -59.77
C GLN B 230 -24.64 41.33 -60.44
N TRP B 231 -25.05 41.52 -61.69
CA TRP B 231 -24.78 42.74 -62.44
C TRP B 231 -26.05 43.57 -62.54
N TYR B 232 -25.90 44.89 -62.48
CA TYR B 232 -27.03 45.82 -62.56
C TYR B 232 -26.70 46.91 -63.58
N LYS B 233 -27.57 47.06 -64.57
CA LYS B 233 -27.49 48.15 -65.54
C LYS B 233 -28.42 49.26 -65.09
N ASP B 234 -27.85 50.35 -64.57
CA ASP B 234 -28.64 51.44 -63.98
C ASP B 234 -29.56 50.86 -62.91
N ASP B 235 -30.85 50.73 -63.24
CA ASP B 235 -31.82 50.08 -62.37
C ASP B 235 -31.93 48.58 -62.65
N ARG B 236 -32.13 48.21 -63.90
CA ARG B 236 -32.35 46.83 -64.26
C ARG B 236 -31.08 46.00 -64.08
N LEU B 237 -31.24 44.69 -64.13
CA LEU B 237 -30.15 43.73 -64.05
C LEU B 237 -30.07 42.95 -65.36
N LEU B 238 -28.87 42.47 -65.68
CA LEU B 238 -28.64 41.74 -66.91
C LEU B 238 -29.03 40.26 -66.74
N SER B 239 -29.46 39.66 -67.86
CA SER B 239 -29.88 38.26 -67.87
C SER B 239 -28.99 37.37 -68.71
N SER B 240 -27.88 37.90 -69.25
CA SER B 240 -26.92 37.13 -70.05
C SER B 240 -27.57 36.48 -71.26
N GLY B 241 -28.58 37.13 -71.84
CA GLY B 241 -29.24 36.62 -73.01
C GLY B 241 -28.74 37.29 -74.28
N THR B 242 -28.95 36.62 -75.41
CA THR B 242 -28.53 37.17 -76.70
C THR B 242 -29.28 38.48 -77.01
N ALA B 243 -30.42 38.71 -76.38
CA ALA B 243 -31.08 40.01 -76.50
C ALA B 243 -30.20 41.10 -75.90
N GLU B 244 -30.17 42.25 -76.55
CA GLU B 244 -29.35 43.42 -76.21
C GLU B 244 -27.86 43.16 -76.39
N GLY B 245 -27.46 41.98 -76.87
CA GLY B 245 -26.05 41.73 -77.18
C GLY B 245 -25.11 41.81 -76.01
N LEU B 246 -25.50 41.25 -74.86
CA LEU B 246 -24.64 41.22 -73.68
C LEU B 246 -24.57 39.80 -73.14
N LYS B 247 -23.41 39.46 -72.58
CA LYS B 247 -23.19 38.13 -72.03
C LYS B 247 -22.20 38.23 -70.88
N VAL B 248 -22.57 37.72 -69.71
CA VAL B 248 -21.74 37.78 -68.52
C VAL B 248 -21.05 36.44 -68.32
N GLN B 249 -19.78 36.49 -67.93
CA GLN B 249 -18.96 35.31 -67.65
C GLN B 249 -18.64 35.30 -66.16
N THR B 250 -19.03 34.24 -65.47
CA THR B 250 -18.89 34.15 -64.03
C THR B 250 -17.73 33.24 -63.66
N GLU B 251 -16.88 33.72 -62.76
CA GLU B 251 -15.76 32.94 -62.22
C GLU B 251 -15.90 32.91 -60.70
N ARG B 252 -15.04 32.11 -60.06
CA ARG B 252 -15.07 32.00 -58.61
C ARG B 252 -14.69 33.32 -57.93
N THR B 253 -13.73 34.05 -58.51
CA THR B 253 -13.25 35.30 -57.94
C THR B 253 -13.58 36.51 -58.80
N ARG B 254 -14.22 36.32 -59.96
CA ARG B 254 -14.49 37.43 -60.86
C ARG B 254 -15.81 37.18 -61.58
N SER B 255 -16.30 38.22 -62.26
CA SER B 255 -17.44 38.09 -63.16
C SER B 255 -17.32 39.20 -64.20
N MET B 256 -16.96 38.83 -65.42
CA MET B 256 -16.78 39.78 -66.50
C MET B 256 -18.09 40.01 -67.23
N LEU B 257 -18.45 41.28 -67.42
CA LEU B 257 -19.60 41.67 -68.23
C LEU B 257 -19.09 42.01 -69.63
N LEU B 258 -19.44 41.18 -70.59
CA LEU B 258 -18.89 41.26 -71.94
C LEU B 258 -19.89 41.91 -72.89
N PHE B 259 -19.38 42.77 -73.77
CA PHE B 259 -20.18 43.51 -74.73
C PHE B 259 -19.78 43.12 -76.14
N ALA B 260 -20.73 42.57 -76.90
CA ALA B 260 -20.50 42.18 -78.28
C ALA B 260 -20.78 43.37 -79.19
N ASN B 261 -19.85 43.63 -80.11
CA ASN B 261 -19.94 44.78 -81.03
C ASN B 261 -20.10 46.03 -80.16
N VAL B 262 -21.06 46.89 -80.48
CA VAL B 262 -21.44 48.06 -79.68
C VAL B 262 -22.95 48.16 -79.74
N SER B 263 -23.50 49.01 -78.88
CA SER B 263 -24.91 49.34 -78.94
C SER B 263 -25.09 50.71 -78.31
N ALA B 264 -25.95 51.53 -78.90
CA ALA B 264 -26.18 52.86 -78.39
C ALA B 264 -26.74 52.84 -76.97
N ARG B 265 -27.63 51.88 -76.68
CA ARG B 265 -28.24 51.81 -75.36
C ARG B 265 -27.26 51.31 -74.29
N HIS B 266 -26.25 50.54 -74.70
CA HIS B 266 -25.31 49.95 -73.75
C HIS B 266 -24.59 50.98 -72.89
N TYR B 267 -24.52 52.23 -73.33
CA TYR B 267 -23.86 53.27 -72.55
C TYR B 267 -24.68 53.65 -71.33
N GLY B 268 -24.02 53.81 -70.19
CA GLY B 268 -24.70 54.21 -68.98
C GLY B 268 -23.99 53.69 -67.74
N ASN B 269 -24.63 53.92 -66.59
CA ASN B 269 -24.09 53.47 -65.31
C ASN B 269 -24.28 51.97 -65.16
N TYR B 270 -23.35 51.34 -64.46
CA TYR B 270 -23.41 49.92 -64.17
C TYR B 270 -22.95 49.66 -62.75
N THR B 271 -23.60 48.71 -62.08
CA THR B 271 -23.21 48.29 -60.74
C THR B 271 -23.22 46.77 -60.69
N CYS B 272 -22.16 46.19 -60.14
CA CYS B 272 -22.10 44.75 -59.89
C CYS B 272 -22.34 44.51 -58.40
N ARG B 273 -22.86 43.34 -58.08
CA ARG B 273 -23.11 42.97 -56.69
C ARG B 273 -22.58 41.58 -56.44
N ALA B 274 -21.69 41.44 -55.47
CA ALA B 274 -21.15 40.16 -55.06
C ALA B 274 -21.63 39.86 -53.65
N ALA B 275 -22.33 38.73 -53.48
CA ALA B 275 -22.91 38.38 -52.20
C ALA B 275 -22.81 36.87 -52.00
N ASN B 276 -22.46 36.48 -50.78
CA ASN B 276 -22.55 35.08 -50.38
C ASN B 276 -23.46 35.00 -49.17
N ARG B 277 -23.30 33.94 -48.36
CA ARG B 277 -24.16 33.81 -47.19
C ARG B 277 -23.80 34.80 -46.08
N LEU B 278 -22.59 35.36 -46.12
CA LEU B 278 -22.09 36.17 -45.02
C LEU B 278 -22.17 37.68 -45.26
N GLY B 279 -22.37 38.12 -46.49
CA GLY B 279 -22.44 39.55 -46.73
C GLY B 279 -22.58 39.84 -48.21
N ALA B 280 -22.64 41.13 -48.52
CA ALA B 280 -22.77 41.59 -49.89
C ALA B 280 -21.83 42.76 -50.12
N SER B 281 -21.58 43.04 -51.41
CA SER B 281 -20.77 44.18 -51.81
C SER B 281 -21.23 44.62 -53.19
N SER B 282 -21.04 45.90 -53.48
CA SER B 282 -21.45 46.46 -54.77
C SER B 282 -20.58 47.66 -55.12
N ALA B 283 -20.30 47.80 -56.42
CA ALA B 283 -19.55 48.93 -56.95
C ALA B 283 -20.15 49.34 -58.29
N SER B 284 -20.05 50.64 -58.59
CA SER B 284 -20.69 51.24 -59.76
C SER B 284 -19.62 51.72 -60.74
N MET B 285 -19.63 51.16 -61.94
CA MET B 285 -18.73 51.61 -63.00
C MET B 285 -19.53 52.01 -64.23
N ARG B 286 -18.91 52.81 -65.08
CA ARG B 286 -19.61 53.40 -66.21
C ARG B 286 -19.02 52.94 -67.54
N LEU B 287 -19.78 53.19 -68.60
CA LEU B 287 -19.38 52.87 -69.97
C LEU B 287 -19.59 54.11 -70.82
N LEU B 288 -18.51 54.73 -71.26
CA LEU B 288 -18.54 56.02 -71.93
C LEU B 288 -17.94 55.91 -73.32
N ARG B 289 -17.93 57.02 -74.04
CA ARG B 289 -17.38 57.07 -75.39
C ARG B 289 -16.15 57.97 -75.46
#